data_4MOA
#
_entry.id   4MOA
#
_cell.length_a   184.618
_cell.length_b   184.618
_cell.length_c   187.359
_cell.angle_alpha   90.00
_cell.angle_beta   90.00
_cell.angle_gamma   120.00
#
_symmetry.space_group_name_H-M   'H 3 2'
#
loop_
_entity.id
_entity.type
_entity.pdbx_description
1 polymer 'Pesticidal crystal protein cry4Ba'
2 water water
#
_entity_poly.entity_id   1
_entity_poly.type   'polypeptide(L)'
_entity_poly.pdbx_seq_one_letter_code
;INSSSVSTALKVAGAILKFVNPPAGTVLTVLSAVLPILWPTNTPTPERVWNDFMTNTGNLIDQTVTAYVRTDANAKMTVV
KDYLDQYTTKFNTWKREPNNQSYRTAVITQFNLTSAKLRETAVYFSNLVGYELLLLPIYAQVANFNLLLIRDGLINAQEW
SLAQSAGDQLYNTMVQYTKEYIAHSITWYNKGLDVLRNKSNGQWITFNDYKREMTIQVLDILALFASYDPRRYPADKIDN
TKLSKTEFTREIYTALVESPSSKSIAALEAALTRDVHLFTWLKRVDFWTNTIYQDLRFLSANKIGFSYTNSSAMQESGIY
GSSGFGSNLTHQIQLNSNVYKTSITDTSSPSNRVTKMDFYKIDGTLASYNSNITPTPEGLRTTFFGFSTNENTPNQPTVN
DYTHILSYIKTDVIDYNSNRVSFAWTHKIVDPNNQIYTDAITQVPAVKSNFLNATAKVIKGPGHTGGDLVALTSNGTLSG
RMEIQCKTSIFNDPTRSYGLRIRYAANSPIVLNVSYVLQGVSRGTTISTESTFSRPNNIIPTDLKYEEFRYKDPFDAIVP
MRLSSNQLITIAIQPLNMTSNNQVIIDRIEIIPITQSVLDET
;
_entity_poly.pdbx_strand_id   A
#
# COMPACT_ATOMS: atom_id res chain seq x y z
N ILE A 1 16.17 0.65 -10.62
CA ILE A 1 16.63 -0.71 -11.03
C ILE A 1 15.44 -1.64 -11.21
N ASN A 2 15.47 -2.45 -12.27
CA ASN A 2 14.38 -3.39 -12.55
C ASN A 2 13.10 -2.65 -12.88
N SER A 3 12.76 -2.57 -14.17
CA SER A 3 11.57 -1.89 -14.64
C SER A 3 10.39 -2.83 -14.86
N SER A 4 10.69 -4.11 -15.06
CA SER A 4 9.65 -5.11 -15.29
C SER A 4 9.18 -5.75 -13.99
N SER A 5 9.33 -5.02 -12.89
CA SER A 5 8.91 -5.51 -11.58
C SER A 5 8.24 -4.40 -10.79
N VAL A 6 8.70 -3.17 -10.99
CA VAL A 6 8.14 -2.02 -10.31
C VAL A 6 6.94 -1.52 -11.13
N SER A 7 6.38 -2.43 -11.93
CA SER A 7 5.24 -2.12 -12.77
C SER A 7 4.25 -3.27 -12.82
N THR A 8 4.78 -4.50 -12.79
CA THR A 8 3.95 -5.69 -12.84
C THR A 8 3.94 -6.46 -11.52
N ALA A 9 4.24 -5.77 -10.43
CA ALA A 9 4.25 -6.39 -9.11
C ALA A 9 2.93 -6.10 -8.40
N LEU A 10 1.98 -5.56 -9.16
CA LEU A 10 0.67 -5.23 -8.64
C LEU A 10 -0.23 -5.02 -9.86
N LYS A 11 0.25 -5.51 -11.00
CA LYS A 11 -0.47 -5.41 -12.26
C LYS A 11 -1.29 -6.67 -12.48
N VAL A 12 -0.78 -7.79 -11.96
CA VAL A 12 -1.47 -9.07 -12.08
C VAL A 12 -2.55 -9.13 -10.99
N ALA A 13 -2.19 -8.64 -9.80
CA ALA A 13 -3.12 -8.61 -8.68
C ALA A 13 -3.84 -7.27 -8.71
N GLY A 14 -3.72 -6.58 -9.84
CA GLY A 14 -4.36 -5.29 -10.00
C GLY A 14 -5.21 -5.25 -11.25
N ALA A 15 -5.57 -6.43 -11.76
CA ALA A 15 -6.39 -6.53 -12.95
C ALA A 15 -7.87 -6.45 -12.57
N ILE A 16 -8.13 -6.24 -11.28
CA ILE A 16 -9.49 -6.13 -10.77
C ILE A 16 -9.81 -4.72 -10.30
N LEU A 17 -10.18 -3.85 -11.25
CA LEU A 17 -10.51 -2.46 -10.93
C LEU A 17 -12.02 -2.28 -10.69
N LYS A 18 -12.81 -3.25 -11.12
CA LYS A 18 -14.25 -3.18 -10.94
C LYS A 18 -14.93 -4.50 -11.31
N PHE A 19 -15.45 -4.57 -12.53
CA PHE A 19 -16.14 -5.78 -13.01
C PHE A 19 -15.17 -6.67 -13.79
N VAL A 20 -14.64 -7.69 -13.13
CA VAL A 20 -13.68 -8.60 -13.77
C VAL A 20 -13.73 -10.02 -13.20
N ASN A 21 -14.88 -10.68 -13.32
CA ASN A 21 -15.03 -12.05 -12.82
C ASN A 21 -15.96 -12.89 -13.69
N PRO A 22 -15.90 -14.22 -13.54
CA PRO A 22 -16.74 -15.14 -14.31
C PRO A 22 -18.11 -15.60 -13.75
N PRO A 23 -18.31 -15.57 -12.42
CA PRO A 23 -19.60 -16.00 -11.88
C PRO A 23 -20.84 -15.61 -12.67
N ALA A 24 -21.22 -16.46 -13.62
CA ALA A 24 -22.40 -16.24 -14.47
C ALA A 24 -22.28 -14.97 -15.32
N GLY A 25 -22.49 -15.12 -16.62
CA GLY A 25 -22.41 -13.97 -17.51
C GLY A 25 -21.37 -14.12 -18.61
N THR A 26 -21.55 -13.38 -19.69
CA THR A 26 -20.62 -13.43 -20.82
C THR A 26 -19.31 -12.74 -20.44
N VAL A 27 -18.20 -13.45 -20.63
CA VAL A 27 -16.89 -12.90 -20.31
C VAL A 27 -15.87 -13.11 -21.43
N LEU A 28 -15.19 -12.03 -21.80
CA LEU A 28 -14.16 -12.06 -22.85
C LEU A 28 -13.08 -11.03 -22.56
N THR A 29 -13.02 -10.60 -21.30
CA THR A 29 -12.03 -9.60 -20.88
C THR A 29 -10.87 -10.22 -20.10
N VAL A 30 -11.09 -10.48 -18.81
CA VAL A 30 -10.05 -11.07 -17.96
C VAL A 30 -10.00 -12.59 -18.01
N LEU A 31 -10.98 -13.25 -17.37
CA LEU A 31 -11.05 -14.70 -17.33
C LEU A 31 -10.69 -15.36 -18.66
N SER A 32 -11.56 -15.20 -19.66
CA SER A 32 -11.31 -15.76 -20.97
C SER A 32 -10.28 -14.90 -21.69
N ALA A 33 -9.50 -15.52 -22.58
CA ALA A 33 -8.47 -14.80 -23.32
C ALA A 33 -7.39 -14.32 -22.35
N VAL A 34 -7.26 -15.03 -21.22
CA VAL A 34 -6.27 -14.69 -20.20
C VAL A 34 -4.96 -15.41 -20.49
N LEU A 35 -5.03 -16.43 -21.34
CA LEU A 35 -3.86 -17.20 -21.72
C LEU A 35 -2.82 -16.31 -22.41
N PRO A 36 -3.27 -15.48 -23.38
CA PRO A 36 -2.34 -14.60 -24.09
C PRO A 36 -1.93 -13.36 -23.30
N ILE A 37 -2.08 -13.42 -21.97
CA ILE A 37 -1.72 -12.29 -21.12
C ILE A 37 -1.10 -12.74 -19.80
N LEU A 38 -1.56 -13.87 -19.27
CA LEU A 38 -1.03 -14.38 -18.00
C LEU A 38 0.45 -14.73 -18.13
N TRP A 39 0.75 -15.67 -19.02
CA TRP A 39 2.13 -16.08 -19.25
C TRP A 39 2.48 -16.20 -20.73
N PRO A 40 2.43 -15.08 -21.47
CA PRO A 40 2.76 -15.10 -22.90
C PRO A 40 4.10 -15.79 -23.14
N THR A 41 5.16 -15.22 -22.57
CA THR A 41 6.49 -15.77 -22.68
C THR A 41 7.01 -16.08 -21.28
N ASN A 42 7.82 -15.19 -20.71
CA ASN A 42 8.35 -15.38 -19.37
C ASN A 42 9.28 -14.21 -18.99
N THR A 43 10.45 -14.15 -19.62
CA THR A 43 11.42 -13.09 -19.33
C THR A 43 12.44 -12.92 -20.45
N PRO A 44 11.99 -12.46 -21.63
CA PRO A 44 12.89 -12.25 -22.77
C PRO A 44 13.99 -11.20 -22.53
N THR A 45 13.60 -10.05 -22.00
CA THR A 45 14.55 -8.97 -21.74
C THR A 45 15.01 -8.88 -20.29
N PRO A 46 16.23 -8.37 -20.05
CA PRO A 46 16.86 -8.19 -18.74
C PRO A 46 15.98 -7.54 -17.67
N GLU A 47 16.36 -7.74 -16.40
CA GLU A 47 15.61 -7.17 -15.28
C GLU A 47 16.18 -7.55 -13.91
N ARG A 48 15.36 -7.33 -12.88
CA ARG A 48 15.65 -7.62 -11.48
C ARG A 48 17.11 -7.94 -11.08
N VAL A 49 17.86 -6.91 -10.73
CA VAL A 49 19.25 -7.09 -10.30
C VAL A 49 19.30 -6.66 -8.84
N TRP A 50 18.42 -5.74 -8.46
CA TRP A 50 18.37 -5.28 -7.09
C TRP A 50 18.09 -6.53 -6.26
N ASN A 51 17.98 -6.39 -4.96
CA ASN A 51 17.74 -7.51 -4.04
C ASN A 51 18.56 -8.79 -4.23
N ASP A 52 19.69 -8.69 -4.93
CA ASP A 52 20.54 -9.87 -5.14
C ASP A 52 21.81 -9.76 -4.29
N PHE A 53 21.90 -8.69 -3.49
CA PHE A 53 23.09 -8.46 -2.67
C PHE A 53 23.39 -9.46 -1.56
N MET A 54 22.45 -10.33 -1.22
CA MET A 54 22.72 -11.32 -0.18
C MET A 54 23.33 -12.59 -0.78
N THR A 55 23.46 -12.60 -2.10
CA THR A 55 24.09 -13.73 -2.79
C THR A 55 25.50 -13.23 -3.08
N ASN A 56 26.39 -14.12 -3.55
CA ASN A 56 27.75 -13.70 -3.85
C ASN A 56 27.80 -13.06 -5.23
N THR A 57 27.93 -11.73 -5.26
CA THR A 57 28.00 -11.03 -6.54
C THR A 57 29.43 -10.57 -6.78
N GLY A 58 30.35 -11.10 -5.97
CA GLY A 58 31.75 -10.74 -6.10
C GLY A 58 32.45 -11.34 -7.30
N ASN A 59 31.88 -12.38 -7.90
CA ASN A 59 32.49 -13.03 -9.06
C ASN A 59 31.48 -13.54 -10.06
N LEU A 60 31.94 -13.73 -11.29
CA LEU A 60 31.12 -14.20 -12.39
C LEU A 60 30.52 -15.60 -12.21
N ILE A 61 31.20 -16.47 -11.49
CA ILE A 61 30.69 -17.82 -11.28
C ILE A 61 29.38 -17.77 -10.50
N ASP A 62 29.42 -17.18 -9.31
CA ASP A 62 28.22 -17.09 -8.47
C ASP A 62 27.12 -16.28 -9.16
N GLN A 63 27.50 -15.22 -9.88
CA GLN A 63 26.53 -14.39 -10.57
C GLN A 63 25.80 -15.19 -11.66
N THR A 64 26.55 -16.05 -12.34
CA THR A 64 25.96 -16.86 -13.39
C THR A 64 24.99 -17.88 -12.80
N VAL A 65 25.35 -18.47 -11.66
CA VAL A 65 24.47 -19.43 -11.01
C VAL A 65 23.20 -18.73 -10.54
N THR A 66 23.37 -17.54 -9.96
CA THR A 66 22.23 -16.76 -9.47
C THR A 66 21.27 -16.43 -10.60
N ALA A 67 21.83 -16.16 -11.78
CA ALA A 67 21.02 -15.84 -12.97
C ALA A 67 20.17 -17.07 -13.32
N TYR A 68 20.76 -18.25 -13.23
CA TYR A 68 20.01 -19.46 -13.50
C TYR A 68 18.88 -19.62 -12.48
N VAL A 69 19.20 -19.41 -11.20
CA VAL A 69 18.18 -19.54 -10.16
C VAL A 69 16.97 -18.67 -10.48
N ARG A 70 17.23 -17.47 -11.00
CA ARG A 70 16.14 -16.57 -11.35
C ARG A 70 15.34 -17.10 -12.52
N THR A 71 16.03 -17.64 -13.53
CA THR A 71 15.38 -18.18 -14.72
C THR A 71 14.53 -19.39 -14.35
N ASP A 72 15.07 -20.26 -13.50
CA ASP A 72 14.34 -21.45 -13.07
C ASP A 72 13.10 -21.00 -12.27
N ALA A 73 13.25 -19.97 -11.45
CA ALA A 73 12.12 -19.49 -10.66
C ALA A 73 11.00 -18.95 -11.55
N ASN A 74 11.35 -18.27 -12.64
CA ASN A 74 10.32 -17.76 -13.54
C ASN A 74 9.60 -18.89 -14.25
N ALA A 75 10.33 -19.97 -14.54
CA ALA A 75 9.75 -21.13 -15.20
C ALA A 75 8.76 -21.80 -14.26
N LYS A 76 9.13 -21.91 -12.99
CA LYS A 76 8.25 -22.51 -11.98
C LYS A 76 6.98 -21.70 -11.83
N MET A 77 7.08 -20.37 -11.94
CA MET A 77 5.89 -19.51 -11.82
C MET A 77 5.01 -19.70 -13.03
N THR A 78 5.61 -19.93 -14.19
CA THR A 78 4.83 -20.15 -15.40
C THR A 78 4.06 -21.45 -15.23
N VAL A 79 4.68 -22.42 -14.57
CA VAL A 79 4.01 -23.69 -14.32
C VAL A 79 2.82 -23.42 -13.38
N VAL A 80 3.04 -22.60 -12.37
CA VAL A 80 2.00 -22.25 -11.41
C VAL A 80 0.81 -21.58 -12.11
N LYS A 81 1.11 -20.64 -12.99
CA LYS A 81 0.06 -19.94 -13.72
C LYS A 81 -0.71 -20.89 -14.62
N ASP A 82 -0.03 -21.91 -15.16
CA ASP A 82 -0.72 -22.87 -16.01
C ASP A 82 -1.70 -23.69 -15.16
N TYR A 83 -1.27 -24.07 -13.95
CA TYR A 83 -2.16 -24.82 -13.06
C TYR A 83 -3.39 -23.97 -12.76
N LEU A 84 -3.16 -22.67 -12.56
CA LEU A 84 -4.27 -21.76 -12.25
C LEU A 84 -5.21 -21.65 -13.46
N ASP A 85 -4.64 -21.58 -14.66
CA ASP A 85 -5.46 -21.49 -15.88
C ASP A 85 -6.37 -22.70 -16.02
N GLN A 86 -5.85 -23.88 -15.69
CA GLN A 86 -6.63 -25.11 -15.78
C GLN A 86 -7.74 -25.04 -14.74
N TYR A 87 -7.42 -24.48 -13.58
CA TYR A 87 -8.43 -24.35 -12.53
C TYR A 87 -9.56 -23.43 -13.00
N THR A 88 -9.16 -22.27 -13.54
CA THR A 88 -10.13 -21.28 -14.02
C THR A 88 -11.02 -21.84 -15.12
N THR A 89 -10.44 -22.59 -16.05
CA THR A 89 -11.23 -23.16 -17.12
C THR A 89 -12.28 -24.13 -16.58
N LYS A 90 -11.89 -24.98 -15.64
CA LYS A 90 -12.83 -25.93 -15.06
C LYS A 90 -13.84 -25.27 -14.15
N PHE A 91 -13.42 -24.22 -13.45
CA PHE A 91 -14.33 -23.50 -12.56
C PHE A 91 -15.45 -22.90 -13.40
N ASN A 92 -15.08 -22.19 -14.47
CA ASN A 92 -16.07 -21.55 -15.34
C ASN A 92 -17.05 -22.55 -15.94
N THR A 93 -16.54 -23.70 -16.37
CA THR A 93 -17.40 -24.72 -16.95
C THR A 93 -18.41 -25.15 -15.90
N TRP A 94 -17.92 -25.44 -14.70
CA TRP A 94 -18.78 -25.85 -13.59
C TRP A 94 -19.83 -24.78 -13.27
N LYS A 95 -19.38 -23.54 -13.14
CA LYS A 95 -20.27 -22.43 -12.80
C LYS A 95 -21.41 -22.28 -13.81
N ARG A 96 -21.17 -22.64 -15.05
CA ARG A 96 -22.21 -22.53 -16.09
C ARG A 96 -23.23 -23.68 -16.02
N GLU A 97 -22.94 -24.69 -15.20
CA GLU A 97 -23.83 -25.84 -15.06
C GLU A 97 -23.45 -26.56 -13.76
N PRO A 98 -23.64 -25.88 -12.62
CA PRO A 98 -23.32 -26.38 -11.27
C PRO A 98 -23.87 -27.74 -10.85
N ASN A 99 -24.96 -28.18 -11.47
CA ASN A 99 -25.55 -29.46 -11.11
C ASN A 99 -24.93 -30.65 -11.84
N ASN A 100 -24.07 -30.35 -12.82
CA ASN A 100 -23.39 -31.41 -13.58
C ASN A 100 -22.28 -31.92 -12.66
N GLN A 101 -22.45 -33.11 -12.10
CA GLN A 101 -21.45 -33.64 -11.18
C GLN A 101 -20.09 -33.92 -11.82
N SER A 102 -20.06 -34.06 -13.14
CA SER A 102 -18.80 -34.30 -13.83
C SER A 102 -17.96 -33.02 -13.80
N TYR A 103 -18.60 -31.88 -14.02
CA TYR A 103 -17.88 -30.61 -14.00
C TYR A 103 -17.47 -30.30 -12.56
N ARG A 104 -18.33 -30.66 -11.61
CA ARG A 104 -18.05 -30.41 -10.21
C ARG A 104 -16.80 -31.18 -9.79
N THR A 105 -16.81 -32.49 -10.03
CA THR A 105 -15.69 -33.34 -9.69
C THR A 105 -14.40 -32.82 -10.34
N ALA A 106 -14.50 -32.42 -11.60
CA ALA A 106 -13.34 -31.91 -12.33
C ALA A 106 -12.71 -30.69 -11.69
N VAL A 107 -13.52 -29.69 -11.34
CA VAL A 107 -12.97 -28.48 -10.73
C VAL A 107 -12.40 -28.78 -9.33
N ILE A 108 -13.05 -29.67 -8.60
CA ILE A 108 -12.59 -30.02 -7.25
C ILE A 108 -11.22 -30.70 -7.37
N THR A 109 -11.10 -31.63 -8.31
CA THR A 109 -9.86 -32.33 -8.55
C THR A 109 -8.76 -31.32 -8.90
N GLN A 110 -9.05 -30.40 -9.82
CA GLN A 110 -8.07 -29.40 -10.22
C GLN A 110 -7.75 -28.45 -9.05
N PHE A 111 -8.76 -28.11 -8.25
CA PHE A 111 -8.54 -27.24 -7.11
C PHE A 111 -7.47 -27.87 -6.20
N ASN A 112 -7.62 -29.16 -5.93
CA ASN A 112 -6.68 -29.87 -5.07
C ASN A 112 -5.27 -29.92 -5.64
N LEU A 113 -5.16 -30.17 -6.93
CA LEU A 113 -3.85 -30.25 -7.59
C LEU A 113 -3.16 -28.89 -7.64
N THR A 114 -3.93 -27.87 -8.02
CA THR A 114 -3.41 -26.53 -8.13
C THR A 114 -3.04 -25.98 -6.75
N SER A 115 -3.86 -26.26 -5.75
CA SER A 115 -3.57 -25.79 -4.39
C SER A 115 -2.27 -26.40 -3.88
N ALA A 116 -2.11 -27.70 -4.10
CA ALA A 116 -0.92 -28.40 -3.65
C ALA A 116 0.31 -27.82 -4.34
N LYS A 117 0.20 -27.61 -5.65
CA LYS A 117 1.34 -27.05 -6.40
C LYS A 117 1.73 -25.65 -5.93
N LEU A 118 0.73 -24.80 -5.67
CA LEU A 118 1.00 -23.45 -5.22
C LEU A 118 1.72 -23.43 -3.86
N ARG A 119 1.22 -24.24 -2.92
CA ARG A 119 1.83 -24.33 -1.60
C ARG A 119 3.26 -24.83 -1.74
N GLU A 120 3.41 -25.91 -2.49
CA GLU A 120 4.70 -26.51 -2.76
C GLU A 120 5.72 -25.48 -3.26
N THR A 121 5.30 -24.68 -4.22
CA THR A 121 6.20 -23.68 -4.80
C THR A 121 6.56 -22.57 -3.82
N ALA A 122 5.61 -22.17 -2.98
CA ALA A 122 5.87 -21.14 -1.99
C ALA A 122 6.91 -21.67 -1.01
N VAL A 123 6.79 -22.94 -0.65
CA VAL A 123 7.72 -23.56 0.29
C VAL A 123 9.10 -23.59 -0.32
N TYR A 124 9.18 -23.94 -1.60
CA TYR A 124 10.46 -23.98 -2.30
C TYR A 124 11.12 -22.59 -2.33
N PHE A 125 10.38 -21.58 -2.76
CA PHE A 125 10.92 -20.23 -2.86
C PHE A 125 11.33 -19.58 -1.54
N SER A 126 10.88 -20.16 -0.43
CA SER A 126 11.24 -19.63 0.89
C SER A 126 12.24 -20.54 1.62
N ASN A 127 12.62 -21.64 0.98
CA ASN A 127 13.56 -22.58 1.61
C ASN A 127 14.75 -22.99 0.74
N LEU A 128 15.08 -22.13 -0.22
CA LEU A 128 16.25 -22.34 -1.08
C LEU A 128 17.27 -21.42 -0.39
N VAL A 129 18.01 -22.00 0.55
CA VAL A 129 18.99 -21.27 1.38
C VAL A 129 20.01 -20.43 0.65
N GLY A 130 20.04 -19.15 0.99
CA GLY A 130 20.96 -18.22 0.36
C GLY A 130 20.31 -17.43 -0.77
N TYR A 131 19.04 -17.73 -1.05
CA TYR A 131 18.33 -17.05 -2.13
C TYR A 131 16.98 -16.51 -1.69
N GLU A 132 16.68 -16.58 -0.39
CA GLU A 132 15.39 -16.12 0.07
C GLU A 132 15.08 -14.65 -0.21
N LEU A 133 16.08 -13.77 -0.08
CA LEU A 133 15.83 -12.35 -0.36
C LEU A 133 15.61 -12.19 -1.86
N LEU A 134 16.44 -12.86 -2.65
CA LEU A 134 16.37 -12.80 -4.10
C LEU A 134 15.00 -13.23 -4.61
N LEU A 135 14.47 -14.29 -4.02
CA LEU A 135 13.18 -14.84 -4.42
C LEU A 135 11.97 -14.29 -3.65
N LEU A 136 12.18 -13.32 -2.75
CA LEU A 136 11.06 -12.79 -1.98
C LEU A 136 9.92 -12.26 -2.87
N PRO A 137 10.24 -11.48 -3.91
CA PRO A 137 9.17 -10.96 -4.78
C PRO A 137 8.31 -12.05 -5.44
N ILE A 138 8.96 -13.06 -6.02
CA ILE A 138 8.19 -14.13 -6.66
C ILE A 138 7.46 -14.93 -5.59
N TYR A 139 8.09 -15.08 -4.43
CA TYR A 139 7.48 -15.81 -3.32
C TYR A 139 6.16 -15.14 -2.95
N ALA A 140 6.20 -13.82 -2.80
CA ALA A 140 5.02 -13.07 -2.42
C ALA A 140 3.88 -13.29 -3.43
N GLN A 141 4.23 -13.35 -4.71
CA GLN A 141 3.21 -13.56 -5.73
C GLN A 141 2.59 -14.95 -5.63
N VAL A 142 3.43 -15.95 -5.40
CA VAL A 142 2.94 -17.32 -5.26
C VAL A 142 2.09 -17.42 -3.99
N ALA A 143 2.57 -16.82 -2.92
CA ALA A 143 1.85 -16.82 -1.65
C ALA A 143 0.48 -16.20 -1.90
N ASN A 144 0.49 -15.08 -2.61
CA ASN A 144 -0.74 -14.34 -2.94
C ASN A 144 -1.73 -15.26 -3.67
N PHE A 145 -1.27 -15.96 -4.71
CA PHE A 145 -2.15 -16.84 -5.46
C PHE A 145 -2.69 -17.97 -4.58
N ASN A 146 -1.80 -18.55 -3.77
CA ASN A 146 -2.17 -19.65 -2.88
C ASN A 146 -3.36 -19.28 -1.99
N LEU A 147 -3.27 -18.12 -1.37
CA LEU A 147 -4.33 -17.66 -0.48
C LEU A 147 -5.60 -17.34 -1.28
N LEU A 148 -5.45 -16.76 -2.48
CA LEU A 148 -6.61 -16.45 -3.29
C LEU A 148 -7.34 -17.73 -3.69
N LEU A 149 -6.57 -18.78 -3.99
CA LEU A 149 -7.19 -20.04 -4.38
C LEU A 149 -7.89 -20.67 -3.19
N ILE A 150 -7.23 -20.66 -2.03
CA ILE A 150 -7.83 -21.22 -0.81
C ILE A 150 -9.18 -20.54 -0.56
N ARG A 151 -9.21 -19.23 -0.75
CA ARG A 151 -10.43 -18.45 -0.55
C ARG A 151 -11.57 -19.05 -1.39
N ASP A 152 -11.26 -19.39 -2.63
CA ASP A 152 -12.23 -19.99 -3.54
C ASP A 152 -12.78 -21.30 -2.98
N GLY A 153 -11.89 -22.13 -2.44
CA GLY A 153 -12.33 -23.38 -1.87
C GLY A 153 -13.32 -23.13 -0.76
N LEU A 154 -13.03 -22.14 0.08
CA LEU A 154 -13.90 -21.80 1.19
C LEU A 154 -15.23 -21.27 0.68
N ILE A 155 -15.18 -20.41 -0.34
CA ILE A 155 -16.39 -19.85 -0.91
C ILE A 155 -17.32 -20.93 -1.46
N ASN A 156 -16.78 -21.86 -2.23
CA ASN A 156 -17.59 -22.92 -2.82
C ASN A 156 -17.62 -24.22 -2.03
N ALA A 157 -17.17 -24.19 -0.78
CA ALA A 157 -17.14 -25.39 0.05
C ALA A 157 -18.47 -26.13 0.14
N GLN A 158 -19.55 -25.37 0.33
CA GLN A 158 -20.88 -25.95 0.46
C GLN A 158 -21.33 -26.64 -0.81
N GLU A 159 -21.21 -25.95 -1.94
CA GLU A 159 -21.60 -26.52 -3.23
C GLU A 159 -20.72 -27.70 -3.66
N TRP A 160 -19.44 -27.65 -3.30
CA TRP A 160 -18.53 -28.72 -3.69
C TRP A 160 -18.46 -29.91 -2.73
N SER A 161 -18.89 -29.72 -1.48
CA SER A 161 -18.84 -30.80 -0.51
C SER A 161 -19.46 -30.42 0.83
N LEU A 162 -19.57 -31.41 1.72
CA LEU A 162 -20.14 -31.20 3.06
C LEU A 162 -19.65 -29.91 3.69
N ALA A 163 -20.40 -28.83 3.45
CA ALA A 163 -20.10 -27.49 3.94
C ALA A 163 -19.15 -27.44 5.12
N GLN A 164 -18.13 -26.61 4.99
CA GLN A 164 -17.12 -26.43 6.04
C GLN A 164 -16.77 -27.72 6.76
N SER A 165 -16.31 -27.63 8.01
CA SER A 165 -15.89 -28.81 8.77
C SER A 165 -14.64 -29.29 8.06
N ALA A 166 -14.79 -29.63 6.78
CA ALA A 166 -13.67 -30.03 5.94
C ALA A 166 -13.27 -28.67 5.38
N GLY A 167 -14.07 -27.68 5.75
CA GLY A 167 -13.85 -26.30 5.36
C GLY A 167 -13.32 -25.52 6.55
N ASP A 168 -13.58 -26.04 7.75
CA ASP A 168 -13.07 -25.42 8.97
C ASP A 168 -11.59 -25.75 9.04
N GLN A 169 -11.23 -26.96 8.61
CA GLN A 169 -9.83 -27.36 8.58
C GLN A 169 -9.16 -26.50 7.50
N LEU A 170 -9.83 -26.33 6.36
CA LEU A 170 -9.29 -25.53 5.27
C LEU A 170 -9.16 -24.08 5.76
N TYR A 171 -10.14 -23.61 6.52
CA TYR A 171 -10.07 -22.25 7.04
C TYR A 171 -8.83 -22.11 7.92
N ASN A 172 -8.62 -23.05 8.85
CA ASN A 172 -7.46 -22.99 9.73
C ASN A 172 -6.18 -22.98 8.91
N THR A 173 -6.17 -23.75 7.83
CA THR A 173 -5.00 -23.79 6.99
C THR A 173 -4.76 -22.42 6.36
N MET A 174 -5.84 -21.77 5.93
CA MET A 174 -5.70 -20.46 5.31
C MET A 174 -5.09 -19.48 6.29
N VAL A 175 -5.59 -19.47 7.52
CA VAL A 175 -5.06 -18.57 8.54
C VAL A 175 -3.59 -18.89 8.81
N GLN A 176 -3.27 -20.16 9.00
CA GLN A 176 -1.89 -20.58 9.26
C GLN A 176 -0.93 -20.13 8.17
N TYR A 177 -1.31 -20.32 6.91
CA TYR A 177 -0.47 -19.94 5.80
C TYR A 177 -0.31 -18.42 5.70
N THR A 178 -1.38 -17.69 5.97
CA THR A 178 -1.31 -16.23 5.92
C THR A 178 -0.24 -15.74 6.90
N LYS A 179 -0.26 -16.29 8.11
CA LYS A 179 0.73 -15.92 9.12
C LYS A 179 2.13 -16.32 8.67
N GLU A 180 2.26 -17.54 8.13
CA GLU A 180 3.57 -18.01 7.67
C GLU A 180 4.14 -17.12 6.56
N TYR A 181 3.32 -16.81 5.57
CA TYR A 181 3.78 -16.01 4.45
C TYR A 181 4.15 -14.59 4.86
N ILE A 182 3.39 -14.03 5.78
CA ILE A 182 3.68 -12.69 6.25
C ILE A 182 4.96 -12.72 7.10
N ALA A 183 5.06 -13.70 7.99
CA ALA A 183 6.24 -13.80 8.86
C ALA A 183 7.54 -13.93 8.06
N HIS A 184 7.53 -14.80 7.06
CA HIS A 184 8.72 -14.98 6.23
C HIS A 184 9.08 -13.70 5.48
N SER A 185 8.09 -13.05 4.89
CA SER A 185 8.33 -11.83 4.12
C SER A 185 8.84 -10.68 5.00
N ILE A 186 8.24 -10.49 6.16
CA ILE A 186 8.69 -9.42 7.04
C ILE A 186 10.08 -9.73 7.58
N THR A 187 10.31 -10.98 7.96
CA THR A 187 11.62 -11.38 8.47
C THR A 187 12.72 -11.10 7.47
N TRP A 188 12.51 -11.48 6.20
CA TRP A 188 13.55 -11.25 5.21
C TRP A 188 13.64 -9.81 4.71
N TYR A 189 12.51 -9.11 4.69
CA TYR A 189 12.54 -7.71 4.28
C TYR A 189 13.50 -7.03 5.25
N ASN A 190 13.30 -7.29 6.54
CA ASN A 190 14.13 -6.69 7.58
C ASN A 190 15.59 -7.15 7.58
N LYS A 191 15.86 -8.41 7.22
CA LYS A 191 17.25 -8.86 7.19
C LYS A 191 17.97 -8.08 6.10
N GLY A 192 17.35 -7.99 4.93
CA GLY A 192 17.95 -7.26 3.82
C GLY A 192 18.19 -5.81 4.19
N LEU A 193 17.24 -5.26 4.95
CA LEU A 193 17.33 -3.86 5.38
C LEU A 193 18.53 -3.67 6.32
N ASP A 194 18.68 -4.58 7.26
CA ASP A 194 19.80 -4.52 8.21
C ASP A 194 21.13 -4.60 7.49
N VAL A 195 21.21 -5.49 6.50
CA VAL A 195 22.44 -5.64 5.74
C VAL A 195 22.85 -4.31 5.10
N LEU A 196 21.89 -3.65 4.48
CA LEU A 196 22.15 -2.37 3.82
C LEU A 196 22.39 -1.22 4.81
N ARG A 197 21.71 -1.26 5.95
CA ARG A 197 21.87 -0.23 6.97
C ARG A 197 23.23 -0.38 7.66
N ASN A 198 23.79 -1.58 7.64
CA ASN A 198 25.07 -1.86 8.28
C ASN A 198 26.30 -1.78 7.37
N LYS A 199 26.09 -1.72 6.05
CA LYS A 199 27.22 -1.64 5.13
C LYS A 199 28.05 -0.38 5.37
N SER A 200 29.37 -0.52 5.28
CA SER A 200 30.28 0.60 5.48
C SER A 200 30.13 1.54 4.29
N ASN A 201 30.07 2.84 4.56
CA ASN A 201 29.89 3.82 3.50
C ASN A 201 28.57 3.52 2.77
N GLY A 202 27.64 2.89 3.48
CA GLY A 202 26.36 2.57 2.89
C GLY A 202 25.67 3.81 2.35
N GLN A 203 25.28 3.76 1.07
CA GLN A 203 24.62 4.89 0.42
C GLN A 203 23.13 4.88 0.71
N TRP A 204 22.59 6.03 1.11
CA TRP A 204 21.17 6.12 1.41
C TRP A 204 20.33 5.78 0.19
N ILE A 205 20.79 6.21 -0.97
CA ILE A 205 20.06 5.98 -2.21
C ILE A 205 19.81 4.48 -2.45
N THR A 206 20.80 3.65 -2.15
CA THR A 206 20.68 2.19 -2.33
C THR A 206 19.70 1.64 -1.29
N PHE A 207 19.81 2.16 -0.07
CA PHE A 207 18.95 1.77 1.04
C PHE A 207 17.49 2.09 0.68
N ASN A 208 17.28 3.28 0.12
CA ASN A 208 15.94 3.70 -0.27
C ASN A 208 15.39 2.92 -1.46
N ASP A 209 16.23 2.68 -2.47
CA ASP A 209 15.81 1.93 -3.66
C ASP A 209 15.25 0.60 -3.17
N TYR A 210 15.96 -0.01 -2.25
CA TYR A 210 15.57 -1.29 -1.67
C TYR A 210 14.19 -1.23 -1.01
N LYS A 211 14.01 -0.26 -0.11
CA LYS A 211 12.73 -0.13 0.58
C LYS A 211 11.58 0.13 -0.38
N ARG A 212 11.82 0.95 -1.39
CA ARG A 212 10.78 1.27 -2.38
C ARG A 212 10.39 0.04 -3.21
N GLU A 213 11.37 -0.70 -3.69
CA GLU A 213 11.07 -1.89 -4.50
C GLU A 213 10.39 -2.96 -3.65
N MET A 214 10.86 -3.18 -2.43
CA MET A 214 10.26 -4.18 -1.54
C MET A 214 8.82 -3.80 -1.21
N THR A 215 8.59 -2.51 -1.01
CA THR A 215 7.24 -2.02 -0.71
C THR A 215 6.32 -2.37 -1.87
N ILE A 216 6.75 -2.03 -3.08
CA ILE A 216 5.95 -2.29 -4.26
C ILE A 216 5.79 -3.77 -4.60
N GLN A 217 6.89 -4.52 -4.52
CA GLN A 217 6.88 -5.93 -4.88
C GLN A 217 6.52 -6.96 -3.81
N VAL A 218 6.65 -6.58 -2.53
CA VAL A 218 6.33 -7.51 -1.45
C VAL A 218 5.36 -6.98 -0.40
N LEU A 219 5.71 -5.87 0.24
CA LEU A 219 4.87 -5.31 1.30
C LEU A 219 3.43 -5.02 0.92
N ASP A 220 3.20 -4.40 -0.24
CA ASP A 220 1.83 -4.10 -0.66
C ASP A 220 1.03 -5.41 -0.81
N ILE A 221 1.68 -6.47 -1.30
CA ILE A 221 0.96 -7.73 -1.49
C ILE A 221 0.51 -8.26 -0.12
N LEU A 222 1.41 -8.22 0.85
CA LEU A 222 1.09 -8.71 2.20
C LEU A 222 -0.15 -8.02 2.78
N ALA A 223 -0.31 -6.73 2.47
CA ALA A 223 -1.44 -5.96 2.98
C ALA A 223 -2.78 -6.49 2.50
N LEU A 224 -2.78 -7.15 1.35
CA LEU A 224 -4.03 -7.69 0.80
C LEU A 224 -4.54 -8.94 1.51
N PHE A 225 -3.64 -9.67 2.15
CA PHE A 225 -4.03 -10.93 2.78
C PHE A 225 -5.24 -10.91 3.70
N ALA A 226 -5.33 -9.92 4.59
CA ALA A 226 -6.46 -9.86 5.51
C ALA A 226 -7.81 -9.89 4.79
N SER A 227 -7.88 -9.19 3.66
CA SER A 227 -9.12 -9.11 2.90
C SER A 227 -9.55 -10.40 2.23
N TYR A 228 -8.65 -11.38 2.18
CA TYR A 228 -8.96 -12.66 1.54
C TYR A 228 -9.79 -13.61 2.41
N ASP A 229 -9.88 -13.33 3.71
CA ASP A 229 -10.68 -14.16 4.61
C ASP A 229 -12.13 -13.99 4.19
N PRO A 230 -12.73 -15.04 3.60
CA PRO A 230 -14.12 -15.02 3.15
C PRO A 230 -15.18 -15.04 4.25
N ARG A 231 -14.79 -15.35 5.47
CA ARG A 231 -15.75 -15.34 6.56
C ARG A 231 -15.87 -13.90 7.05
N ARG A 232 -14.73 -13.21 7.05
CA ARG A 232 -14.66 -11.81 7.48
C ARG A 232 -15.16 -10.88 6.37
N TYR A 233 -14.81 -11.21 5.13
CA TYR A 233 -15.23 -10.42 3.98
C TYR A 233 -15.94 -11.33 2.97
N PRO A 234 -17.26 -11.51 3.12
CA PRO A 234 -18.03 -12.37 2.21
C PRO A 234 -17.84 -12.03 0.73
N ALA A 235 -17.81 -13.06 -0.11
CA ALA A 235 -17.61 -12.85 -1.55
C ALA A 235 -18.81 -12.19 -2.21
N ASP A 236 -18.53 -11.34 -3.19
CA ASP A 236 -19.59 -10.68 -3.95
C ASP A 236 -20.29 -11.85 -4.64
N LYS A 237 -21.61 -11.94 -4.49
CA LYS A 237 -22.37 -13.04 -5.09
C LYS A 237 -22.42 -13.01 -6.61
N ILE A 238 -22.38 -11.82 -7.19
CA ILE A 238 -22.44 -11.69 -8.63
C ILE A 238 -21.12 -12.14 -9.25
N ASP A 239 -20.02 -11.85 -8.56
CA ASP A 239 -18.72 -12.25 -9.04
C ASP A 239 -17.71 -12.31 -7.90
N ASN A 240 -17.35 -13.54 -7.56
CA ASN A 240 -16.44 -13.83 -6.46
C ASN A 240 -15.04 -13.23 -6.55
N THR A 241 -14.58 -12.82 -7.72
CA THR A 241 -13.24 -12.26 -7.80
C THR A 241 -13.19 -10.83 -7.29
N LYS A 242 -14.35 -10.22 -7.07
CA LYS A 242 -14.37 -8.86 -6.54
C LYS A 242 -13.99 -8.93 -5.07
N LEU A 243 -13.12 -8.03 -4.63
CA LEU A 243 -12.68 -8.04 -3.24
C LEU A 243 -12.90 -6.68 -2.60
N SER A 244 -12.97 -6.67 -1.27
CA SER A 244 -13.09 -5.44 -0.52
C SER A 244 -11.76 -4.75 -0.84
N LYS A 245 -11.82 -3.55 -1.41
CA LYS A 245 -10.61 -2.83 -1.81
C LYS A 245 -9.68 -2.47 -0.66
N THR A 246 -8.41 -2.85 -0.76
CA THR A 246 -7.41 -2.52 0.25
C THR A 246 -6.61 -1.31 -0.22
N GLU A 247 -6.36 -0.36 0.67
CA GLU A 247 -5.58 0.82 0.30
C GLU A 247 -4.18 0.73 0.86
N PHE A 248 -3.20 1.19 0.10
CA PHE A 248 -1.82 1.18 0.55
C PHE A 248 -1.58 2.66 0.81
N THR A 249 -1.46 3.03 2.07
CA THR A 249 -1.29 4.42 2.45
C THR A 249 0.15 4.85 2.64
N ARG A 250 1.08 3.89 2.68
CA ARG A 250 2.52 4.20 2.85
C ARG A 250 3.02 5.14 1.75
N GLU A 251 4.09 5.86 2.06
CA GLU A 251 4.71 6.74 1.08
C GLU A 251 6.03 6.09 0.69
N ILE A 252 6.39 6.19 -0.58
CA ILE A 252 7.67 5.67 -1.03
C ILE A 252 8.35 6.90 -1.57
N TYR A 253 9.69 6.90 -1.61
CA TYR A 253 10.42 8.07 -2.07
C TYR A 253 11.38 7.85 -3.24
N THR A 254 11.62 8.93 -3.97
CA THR A 254 12.56 8.99 -5.08
C THR A 254 13.31 10.28 -4.75
N ALA A 255 14.59 10.36 -5.09
CA ALA A 255 15.34 11.56 -4.76
C ALA A 255 16.58 11.78 -5.59
N LEU A 256 16.91 13.06 -5.76
CA LEU A 256 18.09 13.47 -6.49
C LEU A 256 19.10 13.67 -5.37
N VAL A 257 20.09 12.79 -5.32
CA VAL A 257 21.11 12.84 -4.28
C VAL A 257 22.49 12.76 -4.92
N GLU A 258 23.42 13.56 -4.39
CA GLU A 258 24.79 13.60 -4.85
C GLU A 258 25.39 12.21 -4.71
N SER A 259 26.18 11.79 -5.69
CA SER A 259 26.78 10.47 -5.68
C SER A 259 28.27 10.51 -5.94
N PRO A 260 29.08 9.93 -5.03
CA PRO A 260 28.60 9.26 -3.82
C PRO A 260 28.27 10.29 -2.75
N SER A 261 27.64 9.84 -1.67
CA SER A 261 27.30 10.75 -0.59
C SER A 261 27.97 10.31 0.71
N SER A 262 28.58 11.26 1.40
CA SER A 262 29.24 10.93 2.65
C SER A 262 28.28 11.13 3.81
N LYS A 263 27.09 11.62 3.52
CA LYS A 263 26.11 11.82 4.57
C LYS A 263 25.55 10.43 4.86
N SER A 264 25.38 10.11 6.13
CA SER A 264 24.91 8.79 6.53
C SER A 264 23.47 8.47 6.14
N ILE A 265 23.18 7.17 6.12
CA ILE A 265 21.85 6.68 5.79
C ILE A 265 20.84 7.24 6.79
N ALA A 266 21.21 7.22 8.07
CA ALA A 266 20.31 7.73 9.09
C ALA A 266 20.07 9.23 8.91
N ALA A 267 21.14 9.96 8.59
CA ALA A 267 21.04 11.41 8.41
C ALA A 267 20.18 11.76 7.21
N LEU A 268 20.38 11.06 6.10
CA LEU A 268 19.58 11.35 4.91
C LEU A 268 18.14 10.89 5.08
N GLU A 269 17.93 9.81 5.82
CA GLU A 269 16.58 9.31 6.04
C GLU A 269 15.79 10.39 6.77
N ALA A 270 16.39 10.95 7.82
CA ALA A 270 15.72 11.99 8.60
C ALA A 270 15.47 13.26 7.79
N ALA A 271 16.43 13.61 6.94
CA ALA A 271 16.33 14.82 6.14
C ALA A 271 15.46 14.71 4.88
N LEU A 272 15.39 13.53 4.27
CA LEU A 272 14.62 13.36 3.04
C LEU A 272 13.24 12.72 3.14
N THR A 273 12.94 12.08 4.26
CA THR A 273 11.63 11.44 4.43
C THR A 273 10.85 12.08 5.57
N ARG A 274 9.57 11.75 5.66
CA ARG A 274 8.70 12.30 6.68
C ARG A 274 8.45 11.38 7.88
N ASP A 275 8.36 11.97 9.06
CA ASP A 275 8.08 11.21 10.29
C ASP A 275 6.66 10.68 10.09
N VAL A 276 6.31 9.54 10.67
CA VAL A 276 4.97 8.98 10.47
C VAL A 276 3.92 10.06 10.68
N HIS A 277 2.85 10.02 9.88
CA HIS A 277 1.84 11.07 9.96
C HIS A 277 0.54 10.64 9.34
N LEU A 278 -0.53 11.40 9.60
CA LEU A 278 -1.81 11.11 9.00
C LEU A 278 -1.63 11.31 7.50
N PHE A 279 -2.36 10.55 6.70
CA PHE A 279 -2.24 10.67 5.25
C PHE A 279 -2.55 12.10 4.82
N THR A 280 -1.70 12.66 3.96
CA THR A 280 -1.94 14.03 3.51
C THR A 280 -2.04 14.09 1.99
N TRP A 281 -2.71 15.14 1.52
CA TRP A 281 -2.90 15.38 0.11
C TRP A 281 -2.17 16.67 -0.24
N LEU A 282 -1.35 16.63 -1.29
CA LEU A 282 -0.55 17.78 -1.71
C LEU A 282 -1.38 18.86 -2.42
N LYS A 283 -1.41 20.06 -1.85
CA LYS A 283 -2.19 21.15 -2.42
C LYS A 283 -1.39 22.32 -2.98
N ARG A 284 -0.21 22.55 -2.43
CA ARG A 284 0.61 23.66 -2.88
C ARG A 284 2.10 23.40 -2.61
N VAL A 285 2.95 23.84 -3.52
CA VAL A 285 4.40 23.70 -3.35
C VAL A 285 5.04 25.08 -3.50
N ASP A 286 5.78 25.47 -2.48
CA ASP A 286 6.46 26.77 -2.47
C ASP A 286 7.94 26.53 -2.72
N PHE A 287 8.55 27.37 -3.56
CA PHE A 287 9.97 27.25 -3.86
C PHE A 287 10.69 28.56 -3.68
N TRP A 288 11.89 28.46 -3.12
CA TRP A 288 12.77 29.59 -2.89
C TRP A 288 13.94 29.43 -3.85
N THR A 289 14.52 30.56 -4.23
CA THR A 289 15.67 30.60 -5.12
C THR A 289 16.74 31.52 -4.53
N ASN A 290 18.01 31.17 -4.71
CA ASN A 290 19.10 32.03 -4.25
C ASN A 290 19.23 33.02 -5.40
N THR A 291 18.91 34.27 -5.13
CA THR A 291 18.92 35.29 -6.18
C THR A 291 20.00 36.37 -6.14
N ILE A 292 20.99 36.25 -5.28
CA ILE A 292 22.03 37.29 -5.23
C ILE A 292 22.80 37.40 -6.55
N TYR A 293 23.15 36.27 -7.15
CA TYR A 293 23.87 36.25 -8.42
C TYR A 293 23.00 35.60 -9.50
N GLN A 294 22.61 36.40 -10.48
CA GLN A 294 21.74 35.93 -11.57
C GLN A 294 22.28 34.75 -12.35
N ASP A 295 23.59 34.67 -12.50
CA ASP A 295 24.19 33.56 -13.24
C ASP A 295 24.38 32.35 -12.31
N LEU A 296 23.91 32.48 -11.07
CA LEU A 296 24.02 31.41 -10.08
C LEU A 296 22.69 31.20 -9.37
N ARG A 297 21.59 31.37 -10.11
CA ARG A 297 20.26 31.18 -9.54
C ARG A 297 19.89 29.72 -9.52
N PHE A 298 19.73 29.18 -8.31
CA PHE A 298 19.35 27.78 -8.13
C PHE A 298 18.36 27.65 -6.97
N LEU A 299 17.66 26.52 -6.93
CA LEU A 299 16.70 26.24 -5.88
C LEU A 299 17.41 26.35 -4.53
N SER A 300 16.73 26.92 -3.54
CA SER A 300 17.33 27.06 -2.21
C SER A 300 16.50 26.46 -1.09
N ALA A 301 15.20 26.32 -1.32
CA ALA A 301 14.32 25.75 -0.29
C ALA A 301 12.91 25.52 -0.83
N ASN A 302 12.10 24.81 -0.07
CA ASN A 302 10.71 24.56 -0.46
C ASN A 302 9.84 24.40 0.77
N LYS A 303 8.53 24.58 0.59
CA LYS A 303 7.59 24.44 1.70
C LYS A 303 6.38 23.75 1.10
N ILE A 304 5.58 23.08 1.93
CA ILE A 304 4.42 22.39 1.41
C ILE A 304 3.10 22.80 2.05
N GLY A 305 2.07 22.94 1.21
CA GLY A 305 0.74 23.25 1.67
C GLY A 305 0.01 21.94 1.46
N PHE A 306 -0.60 21.40 2.50
CA PHE A 306 -1.29 20.11 2.38
C PHE A 306 -2.56 20.04 3.23
N SER A 307 -3.38 19.03 2.95
CA SER A 307 -4.64 18.83 3.71
C SER A 307 -4.86 17.37 4.08
N TYR A 308 -5.48 17.14 5.23
CA TYR A 308 -5.81 15.80 5.66
C TYR A 308 -7.05 15.40 4.88
N THR A 309 -7.35 14.11 4.81
CA THR A 309 -8.50 13.65 4.04
C THR A 309 -9.84 14.27 4.44
N ASN A 310 -10.54 14.82 3.45
CA ASN A 310 -11.84 15.46 3.65
C ASN A 310 -11.79 16.65 4.61
N SER A 311 -10.61 17.24 4.74
CA SER A 311 -10.43 18.42 5.59
C SER A 311 -10.43 19.67 4.71
N SER A 312 -11.04 20.74 5.19
CA SER A 312 -11.11 21.99 4.42
C SER A 312 -9.95 22.92 4.76
N ALA A 313 -9.13 22.53 5.73
CA ALA A 313 -8.02 23.37 6.17
C ALA A 313 -6.69 23.10 5.46
N MET A 314 -5.96 24.18 5.22
CA MET A 314 -4.66 24.10 4.57
C MET A 314 -3.56 24.08 5.65
N GLN A 315 -2.86 22.95 5.76
CA GLN A 315 -1.78 22.83 6.73
C GLN A 315 -0.52 23.39 6.04
N GLU A 316 0.41 23.91 6.83
CA GLU A 316 1.65 24.46 6.29
C GLU A 316 2.86 23.76 6.91
N SER A 317 3.78 23.28 6.08
CA SER A 317 4.97 22.65 6.62
C SER A 317 5.97 23.73 6.99
N GLY A 318 7.09 23.30 7.55
CA GLY A 318 8.15 24.23 7.89
C GLY A 318 8.92 24.39 6.58
N ILE A 319 9.91 25.26 6.56
CA ILE A 319 10.71 25.46 5.35
C ILE A 319 11.82 24.42 5.32
N TYR A 320 12.00 23.76 4.18
CA TYR A 320 13.07 22.78 4.03
C TYR A 320 14.16 23.40 3.18
N GLY A 321 15.37 23.44 3.70
CA GLY A 321 16.47 24.02 2.94
C GLY A 321 16.99 25.32 3.54
N SER A 322 17.40 26.25 2.70
CA SER A 322 17.95 27.52 3.18
C SER A 322 17.03 28.72 2.92
N SER A 323 16.82 29.54 3.93
CA SER A 323 15.98 30.71 3.77
C SER A 323 16.59 32.00 4.34
N GLY A 324 17.91 32.06 4.36
CA GLY A 324 18.58 33.26 4.87
C GLY A 324 18.69 34.33 3.80
N PHE A 325 19.59 35.29 3.98
CA PHE A 325 19.76 36.36 3.01
C PHE A 325 20.08 35.84 1.61
N GLY A 326 19.45 36.43 0.61
CA GLY A 326 19.68 36.01 -0.76
C GLY A 326 18.69 34.96 -1.21
N SER A 327 18.10 34.24 -0.27
CA SER A 327 17.11 33.20 -0.59
C SER A 327 15.74 33.87 -0.59
N ASN A 328 15.05 33.83 -1.74
CA ASN A 328 13.75 34.46 -1.87
C ASN A 328 12.67 33.53 -2.40
N LEU A 329 11.46 33.66 -1.84
CA LEU A 329 10.33 32.87 -2.29
C LEU A 329 10.03 33.34 -3.72
N THR A 330 10.17 32.45 -4.69
CA THR A 330 9.92 32.83 -6.06
C THR A 330 8.72 32.14 -6.69
N HIS A 331 8.28 31.03 -6.10
CA HIS A 331 7.14 30.28 -6.63
C HIS A 331 6.20 29.74 -5.57
N GLN A 332 4.92 29.72 -5.91
CA GLN A 332 3.87 29.18 -5.06
C GLN A 332 2.91 28.54 -6.05
N ILE A 333 3.01 27.23 -6.18
CA ILE A 333 2.22 26.48 -7.14
C ILE A 333 1.04 25.70 -6.55
N GLN A 334 -0.16 26.06 -6.99
CA GLN A 334 -1.36 25.36 -6.55
C GLN A 334 -1.50 24.11 -7.42
N LEU A 335 -1.41 22.94 -6.79
CA LEU A 335 -1.56 21.69 -7.52
C LEU A 335 -3.01 21.24 -7.38
N ASN A 336 -3.85 21.73 -8.30
CA ASN A 336 -5.28 21.46 -8.34
C ASN A 336 -5.59 20.09 -8.91
N SER A 337 -4.57 19.42 -9.45
CA SER A 337 -4.73 18.10 -10.07
C SER A 337 -3.56 17.24 -9.63
N ASN A 338 -3.80 15.95 -9.47
CA ASN A 338 -2.75 15.01 -9.05
C ASN A 338 -1.54 15.05 -9.99
N VAL A 339 -0.35 14.97 -9.42
CA VAL A 339 0.91 14.95 -10.18
C VAL A 339 1.34 13.48 -10.29
N TYR A 340 1.46 12.97 -11.52
CA TYR A 340 1.83 11.57 -11.73
C TYR A 340 3.25 11.37 -12.24
N LYS A 341 3.96 12.47 -12.46
CA LYS A 341 5.33 12.40 -12.96
C LYS A 341 6.03 13.73 -12.69
N THR A 342 7.33 13.67 -12.42
CA THR A 342 8.10 14.87 -12.17
C THR A 342 9.45 14.72 -12.83
N SER A 343 10.13 15.84 -13.00
CA SER A 343 11.45 15.83 -13.57
C SER A 343 12.17 16.95 -12.87
N ILE A 344 13.48 16.81 -12.74
CA ILE A 344 14.26 17.83 -12.08
C ILE A 344 15.53 18.02 -12.88
N THR A 345 15.89 19.27 -13.13
CA THR A 345 17.08 19.57 -13.90
C THR A 345 18.13 20.25 -13.01
N ASP A 346 19.36 19.71 -13.06
CA ASP A 346 20.47 20.25 -12.27
C ASP A 346 21.76 20.22 -13.09
N THR A 347 22.76 20.96 -12.64
CA THR A 347 24.06 20.98 -13.31
C THR A 347 24.75 19.63 -13.09
N SER A 348 25.67 19.27 -13.97
CA SER A 348 26.38 17.99 -13.87
C SER A 348 27.48 17.99 -12.82
N SER A 349 28.38 18.97 -12.90
CA SER A 349 29.48 19.06 -11.94
C SER A 349 29.93 20.49 -11.72
N PRO A 350 29.77 21.00 -10.49
CA PRO A 350 29.20 20.25 -9.37
C PRO A 350 27.72 19.93 -9.62
N SER A 351 27.27 18.79 -9.11
CA SER A 351 25.89 18.38 -9.31
C SER A 351 24.95 18.93 -8.25
N ASN A 352 23.66 18.68 -8.44
CA ASN A 352 22.62 19.09 -7.51
C ASN A 352 22.31 20.57 -7.35
N ARG A 353 22.70 21.35 -8.34
CA ARG A 353 22.38 22.78 -8.34
C ARG A 353 21.17 22.78 -9.26
N VAL A 354 19.99 22.84 -8.65
CA VAL A 354 18.71 22.76 -9.36
C VAL A 354 18.19 24.03 -10.03
N THR A 355 17.96 23.93 -11.34
CA THR A 355 17.47 25.06 -12.10
C THR A 355 16.00 24.95 -12.50
N LYS A 356 15.48 23.73 -12.55
CA LYS A 356 14.09 23.53 -12.94
C LYS A 356 13.50 22.21 -12.46
N MET A 357 12.19 22.23 -12.24
CA MET A 357 11.45 21.03 -11.84
C MET A 357 10.11 21.10 -12.57
N ASP A 358 9.74 20.02 -13.23
CA ASP A 358 8.46 19.95 -13.95
C ASP A 358 7.52 18.99 -13.21
N PHE A 359 6.25 19.38 -13.15
CA PHE A 359 5.21 18.58 -12.48
C PHE A 359 4.08 18.30 -13.45
N TYR A 360 4.01 17.07 -13.95
CA TYR A 360 2.98 16.66 -14.90
C TYR A 360 1.70 16.27 -14.14
N LYS A 361 0.61 16.96 -14.43
CA LYS A 361 -0.68 16.72 -13.76
C LYS A 361 -1.61 15.85 -14.60
N ILE A 362 -2.48 15.09 -13.95
CA ILE A 362 -3.37 14.21 -14.70
C ILE A 362 -4.42 14.94 -15.54
N ASP A 363 -4.60 16.23 -15.31
CA ASP A 363 -5.57 17.00 -16.11
C ASP A 363 -4.93 17.44 -17.42
N GLY A 364 -3.70 16.99 -17.66
CA GLY A 364 -3.00 17.33 -18.88
C GLY A 364 -2.13 18.58 -18.87
N THR A 365 -2.11 19.29 -17.75
CA THR A 365 -1.30 20.50 -17.65
C THR A 365 0.04 20.23 -16.98
N LEU A 366 0.92 21.22 -17.05
CA LEU A 366 2.24 21.10 -16.45
C LEU A 366 2.52 22.34 -15.61
N ALA A 367 3.07 22.13 -14.41
CA ALA A 367 3.44 23.24 -13.54
C ALA A 367 4.96 23.13 -13.44
N SER A 368 5.65 24.26 -13.28
CA SER A 368 7.10 24.21 -13.22
C SER A 368 7.76 25.23 -12.30
N TYR A 369 8.89 24.83 -11.75
CA TYR A 369 9.69 25.72 -10.93
C TYR A 369 10.81 26.03 -11.91
N ASN A 370 11.23 27.29 -11.98
CA ASN A 370 12.32 27.67 -12.85
C ASN A 370 13.14 28.71 -12.10
N SER A 371 14.44 28.46 -11.92
CA SER A 371 15.28 29.41 -11.19
C SER A 371 15.55 30.67 -12.00
N ASN A 372 15.30 30.62 -13.30
CA ASN A 372 15.54 31.76 -14.19
C ASN A 372 17.01 32.15 -14.24
N ILE A 373 17.89 31.17 -14.07
CA ILE A 373 19.31 31.42 -14.11
C ILE A 373 19.66 31.92 -15.51
N THR A 374 20.58 32.88 -15.58
CA THR A 374 20.99 33.44 -16.86
C THR A 374 22.43 33.92 -16.78
N PRO A 375 23.29 33.48 -17.71
CA PRO A 375 22.95 32.56 -18.79
C PRO A 375 22.73 31.12 -18.32
N THR A 376 22.20 30.29 -19.22
CA THR A 376 21.95 28.89 -18.90
C THR A 376 23.28 28.15 -18.80
N PRO A 377 23.60 27.62 -17.61
CA PRO A 377 24.86 26.89 -17.45
C PRO A 377 24.93 25.65 -18.33
N GLU A 378 26.15 25.20 -18.61
CA GLU A 378 26.34 24.02 -19.45
C GLU A 378 26.39 22.81 -18.54
N GLY A 379 26.17 21.63 -19.13
CA GLY A 379 26.21 20.42 -18.35
C GLY A 379 24.94 20.11 -17.58
N LEU A 380 23.81 20.67 -18.03
CA LEU A 380 22.55 20.41 -17.35
C LEU A 380 22.03 19.03 -17.70
N ARG A 381 21.43 18.37 -16.71
CA ARG A 381 20.86 17.05 -16.92
C ARG A 381 19.46 17.07 -16.32
N THR A 382 18.57 16.27 -16.89
CA THR A 382 17.21 16.19 -16.39
C THR A 382 16.92 14.74 -16.00
N THR A 383 16.37 14.57 -14.80
CA THR A 383 16.05 13.25 -14.25
C THR A 383 14.56 13.14 -13.99
N PHE A 384 13.93 12.09 -14.53
CA PHE A 384 12.50 11.88 -14.34
C PHE A 384 12.19 10.93 -13.18
N PHE A 385 11.05 11.17 -12.52
CA PHE A 385 10.60 10.35 -11.42
C PHE A 385 9.11 10.07 -11.61
N GLY A 386 8.72 8.82 -11.42
CA GLY A 386 7.33 8.46 -11.60
C GLY A 386 7.19 6.96 -11.58
N PHE A 387 5.96 6.48 -11.55
CA PHE A 387 5.72 5.05 -11.49
C PHE A 387 4.73 4.59 -12.55
N SER A 388 5.24 3.78 -13.48
CA SER A 388 4.45 3.27 -14.59
C SER A 388 4.30 1.76 -14.54
N THR A 389 3.21 1.27 -15.11
CA THR A 389 2.94 -0.16 -15.17
C THR A 389 3.67 -0.71 -16.40
N ASN A 390 4.20 0.21 -17.21
CA ASN A 390 4.92 -0.14 -18.42
C ASN A 390 6.42 -0.22 -18.12
N GLU A 391 6.95 -1.44 -18.10
CA GLU A 391 8.35 -1.68 -17.81
C GLU A 391 9.28 -1.00 -18.82
N ASN A 392 8.76 -0.65 -19.97
CA ASN A 392 9.57 0.00 -21.00
C ASN A 392 9.72 1.50 -20.77
N THR A 393 8.99 2.03 -19.79
CA THR A 393 9.05 3.45 -19.47
C THR A 393 9.09 3.59 -17.95
N PRO A 394 10.10 2.96 -17.32
CA PRO A 394 10.34 2.95 -15.86
C PRO A 394 9.96 4.18 -15.05
N ASN A 395 10.58 5.31 -15.33
CA ASN A 395 10.31 6.55 -14.60
C ASN A 395 9.51 7.57 -15.38
N GLN A 396 8.90 7.14 -16.47
CA GLN A 396 8.12 8.06 -17.26
C GLN A 396 6.75 7.53 -17.64
N PRO A 397 5.84 7.46 -16.66
CA PRO A 397 4.49 6.98 -16.92
C PRO A 397 3.73 8.03 -17.70
N THR A 398 2.60 7.62 -18.27
CA THR A 398 1.73 8.53 -19.01
C THR A 398 0.48 8.60 -18.13
N VAL A 399 -0.46 9.48 -18.48
CA VAL A 399 -1.68 9.62 -17.69
C VAL A 399 -2.50 8.34 -17.66
N ASN A 400 -2.14 7.37 -18.51
CA ASN A 400 -2.89 6.12 -18.57
C ASN A 400 -2.24 4.92 -17.90
N ASP A 401 -1.03 5.09 -17.35
CA ASP A 401 -0.40 3.95 -16.70
C ASP A 401 0.40 4.25 -15.44
N TYR A 402 0.19 5.42 -14.84
CA TYR A 402 0.89 5.76 -13.60
C TYR A 402 0.26 4.97 -12.45
N THR A 403 1.03 4.67 -11.42
CA THR A 403 0.50 3.93 -10.27
C THR A 403 0.54 4.74 -8.97
N HIS A 404 1.29 5.85 -8.99
CA HIS A 404 1.43 6.72 -7.80
C HIS A 404 1.30 8.19 -8.16
N ILE A 405 1.00 9.01 -7.14
CA ILE A 405 0.91 10.46 -7.32
C ILE A 405 1.80 11.13 -6.28
N LEU A 406 2.21 12.36 -6.56
CA LEU A 406 3.10 13.11 -5.67
C LEU A 406 2.40 13.54 -4.40
N SER A 407 3.05 13.33 -3.26
CA SER A 407 2.48 13.72 -1.98
C SER A 407 3.37 14.70 -1.21
N TYR A 408 4.66 14.76 -1.53
CA TYR A 408 5.52 15.66 -0.76
C TYR A 408 6.87 15.90 -1.42
N ILE A 409 7.54 16.97 -0.99
CA ILE A 409 8.85 17.34 -1.49
C ILE A 409 9.68 17.90 -0.34
N LYS A 410 10.93 17.48 -0.22
CA LYS A 410 11.80 18.00 0.83
C LYS A 410 13.14 18.33 0.19
N THR A 411 13.72 19.46 0.59
CA THR A 411 15.01 19.92 0.08
C THR A 411 16.02 19.85 1.23
N ASP A 412 17.21 19.32 0.98
CA ASP A 412 18.25 19.21 2.02
C ASP A 412 19.55 19.76 1.44
N VAL A 413 20.05 20.84 2.03
CA VAL A 413 21.27 21.48 1.53
C VAL A 413 22.54 20.65 1.65
N ILE A 414 23.30 20.63 0.56
CA ILE A 414 24.57 19.92 0.51
C ILE A 414 25.60 21.00 0.80
N ASP A 415 25.67 21.97 -0.11
CA ASP A 415 26.57 23.12 -0.01
C ASP A 415 25.75 24.30 -0.54
N TYR A 416 26.29 25.50 -0.46
CA TYR A 416 25.56 26.65 -0.99
C TYR A 416 25.15 26.37 -2.43
N ASN A 417 23.86 26.57 -2.73
CA ASN A 417 23.34 26.33 -4.07
C ASN A 417 23.16 24.88 -4.52
N SER A 418 23.61 23.92 -3.72
CA SER A 418 23.45 22.51 -4.08
C SER A 418 22.57 21.81 -3.04
N ASN A 419 21.59 21.05 -3.51
CA ASN A 419 20.65 20.37 -2.61
C ASN A 419 20.26 18.96 -3.06
N ARG A 420 19.82 18.16 -2.09
CA ARG A 420 19.28 16.84 -2.39
C ARG A 420 17.79 17.19 -2.40
N VAL A 421 17.04 16.59 -3.32
CA VAL A 421 15.61 16.87 -3.38
C VAL A 421 14.89 15.54 -3.39
N SER A 422 13.99 15.33 -2.44
CA SER A 422 13.26 14.08 -2.38
C SER A 422 11.78 14.30 -2.70
N PHE A 423 11.21 13.33 -3.41
CA PHE A 423 9.81 13.35 -3.80
C PHE A 423 9.15 12.14 -3.16
N ALA A 424 8.09 12.39 -2.40
CA ALA A 424 7.33 11.33 -1.74
C ALA A 424 6.14 11.03 -2.63
N TRP A 425 5.77 9.76 -2.72
CA TRP A 425 4.66 9.34 -3.57
C TRP A 425 3.68 8.44 -2.82
N THR A 426 2.40 8.57 -3.13
CA THR A 426 1.38 7.73 -2.51
C THR A 426 0.69 6.95 -3.65
N HIS A 427 0.18 5.78 -3.32
CA HIS A 427 -0.46 4.90 -4.31
C HIS A 427 -1.79 5.44 -4.79
N LYS A 428 -2.02 5.39 -6.11
CA LYS A 428 -3.26 5.94 -6.67
C LYS A 428 -4.54 5.27 -6.19
N ILE A 429 -4.40 4.10 -5.55
CA ILE A 429 -5.56 3.37 -5.04
C ILE A 429 -6.23 4.07 -3.84
N VAL A 430 -5.51 4.98 -3.20
CA VAL A 430 -6.06 5.69 -2.03
C VAL A 430 -7.14 6.67 -2.47
N ASP A 431 -8.33 6.51 -1.90
CA ASP A 431 -9.50 7.33 -2.22
C ASP A 431 -9.51 8.67 -1.46
N PRO A 432 -9.47 9.79 -2.19
CA PRO A 432 -9.47 11.11 -1.54
C PRO A 432 -10.80 11.47 -0.88
N ASN A 433 -11.83 10.69 -1.13
CA ASN A 433 -13.14 10.97 -0.53
C ASN A 433 -13.52 10.04 0.62
N ASN A 434 -12.67 9.07 0.93
CA ASN A 434 -13.00 8.08 1.96
C ASN A 434 -14.44 7.65 1.68
N GLN A 435 -14.72 7.37 0.40
CA GLN A 435 -16.06 6.97 -0.02
C GLN A 435 -16.57 5.63 0.51
N ILE A 436 -17.79 5.64 1.02
CA ILE A 436 -18.40 4.41 1.53
C ILE A 436 -19.12 3.78 0.34
N TYR A 437 -18.57 2.70 -0.19
CA TYR A 437 -19.18 2.06 -1.35
C TYR A 437 -20.54 1.47 -0.97
N THR A 438 -21.44 1.37 -1.94
CA THR A 438 -22.77 0.84 -1.66
C THR A 438 -22.86 -0.69 -1.70
N ASP A 439 -21.98 -1.32 -2.47
CA ASP A 439 -22.02 -2.76 -2.67
C ASP A 439 -20.85 -3.63 -2.22
N ALA A 440 -20.02 -3.13 -1.32
CA ALA A 440 -18.90 -3.91 -0.83
C ALA A 440 -18.47 -3.33 0.50
N ILE A 441 -17.63 -4.07 1.21
CA ILE A 441 -17.14 -3.59 2.49
C ILE A 441 -16.07 -2.54 2.18
N THR A 442 -16.23 -1.34 2.76
CA THR A 442 -15.28 -0.27 2.51
C THR A 442 -14.21 -0.21 3.57
N GLN A 443 -12.95 -0.18 3.14
CA GLN A 443 -11.83 -0.08 4.07
C GLN A 443 -11.36 1.37 4.11
N VAL A 444 -11.14 1.88 5.31
CA VAL A 444 -10.63 3.24 5.47
C VAL A 444 -9.57 3.20 6.55
N PRO A 445 -8.29 3.18 6.15
CA PRO A 445 -7.19 3.14 7.14
C PRO A 445 -7.31 4.29 8.14
N ALA A 446 -6.92 4.02 9.39
CA ALA A 446 -6.99 5.01 10.45
C ALA A 446 -6.17 6.27 10.16
N VAL A 447 -5.07 6.11 9.42
CA VAL A 447 -4.25 7.26 9.09
C VAL A 447 -4.96 8.27 8.18
N LYS A 448 -6.13 7.90 7.66
CA LYS A 448 -6.85 8.85 6.82
C LYS A 448 -7.78 9.74 7.65
N SER A 449 -7.60 9.70 8.97
CA SER A 449 -8.39 10.54 9.88
C SER A 449 -7.96 11.99 9.60
N ASN A 450 -8.70 12.97 10.10
CA ASN A 450 -8.27 14.35 9.90
C ASN A 450 -8.23 15.12 11.22
N PHE A 451 -8.34 14.39 12.33
CA PHE A 451 -8.24 14.96 13.65
C PHE A 451 -7.73 13.94 14.66
N LEU A 452 -6.76 14.35 15.47
CA LEU A 452 -6.21 13.50 16.52
C LEU A 452 -5.99 14.39 17.73
N ASN A 453 -6.47 14.00 18.90
CA ASN A 453 -6.21 14.83 20.07
C ASN A 453 -4.81 14.54 20.60
N ALA A 454 -4.42 15.25 21.66
CA ALA A 454 -3.09 15.13 22.24
C ALA A 454 -2.54 13.74 22.56
N THR A 455 -3.41 12.80 22.90
CA THR A 455 -2.96 11.45 23.23
C THR A 455 -3.21 10.39 22.15
N ALA A 456 -3.47 10.85 20.93
CA ALA A 456 -3.64 9.95 19.80
C ALA A 456 -2.51 10.31 18.85
N LYS A 457 -1.80 9.30 18.35
CA LYS A 457 -0.69 9.57 17.46
C LYS A 457 -0.47 8.43 16.47
N VAL A 458 0.05 8.79 15.31
CA VAL A 458 0.35 7.81 14.27
C VAL A 458 1.64 7.11 14.67
N ILE A 459 1.71 5.80 14.51
CA ILE A 459 2.90 5.05 14.83
C ILE A 459 3.28 4.18 13.63
N LYS A 460 4.55 3.79 13.57
CA LYS A 460 5.05 2.97 12.47
C LYS A 460 4.34 1.64 12.35
N GLY A 461 3.87 1.33 11.14
CA GLY A 461 3.20 0.07 10.92
C GLY A 461 4.24 -1.04 10.88
N PRO A 462 3.86 -2.30 11.16
CA PRO A 462 4.82 -3.41 11.15
C PRO A 462 5.38 -3.75 9.76
N GLY A 463 4.70 -3.29 8.72
CA GLY A 463 5.18 -3.56 7.37
C GLY A 463 4.23 -4.39 6.54
N HIS A 464 3.22 -4.98 7.17
CA HIS A 464 2.28 -5.82 6.46
C HIS A 464 0.85 -5.27 6.41
N THR A 465 0.64 -4.06 6.93
CA THR A 465 -0.71 -3.48 6.93
C THR A 465 -0.92 -2.46 5.81
N GLY A 466 0.13 -2.22 5.02
CA GLY A 466 0.00 -1.29 3.91
C GLY A 466 0.24 0.15 4.29
N GLY A 467 0.60 0.39 5.55
CA GLY A 467 0.85 1.73 5.99
C GLY A 467 1.02 1.80 7.49
N ASP A 468 0.97 3.00 8.04
CA ASP A 468 1.13 3.14 9.46
C ASP A 468 -0.18 3.02 10.23
N LEU A 469 -0.14 3.23 11.54
CA LEU A 469 -1.32 3.06 12.38
C LEU A 469 -1.53 4.23 13.32
N VAL A 470 -2.71 4.23 13.96
CA VAL A 470 -3.04 5.26 14.91
C VAL A 470 -3.14 4.63 16.30
N ALA A 471 -2.35 5.16 17.22
CA ALA A 471 -2.33 4.66 18.58
C ALA A 471 -3.09 5.62 19.48
N LEU A 472 -4.08 5.09 20.18
CA LEU A 472 -4.87 5.88 21.11
C LEU A 472 -4.33 5.49 22.49
N THR A 473 -3.64 6.42 23.14
CA THR A 473 -3.07 6.15 24.44
C THR A 473 -3.70 7.01 25.52
N SER A 474 -3.23 6.83 26.76
CA SER A 474 -3.75 7.59 27.86
C SER A 474 -2.68 8.40 28.58
N ASN A 475 -3.07 9.63 28.91
CA ASN A 475 -2.21 10.59 29.59
C ASN A 475 -2.45 10.39 31.09
N GLY A 476 -3.41 9.53 31.40
CA GLY A 476 -3.77 9.29 32.78
C GLY A 476 -4.89 10.29 33.05
N THR A 477 -5.05 11.22 32.11
CA THR A 477 -6.07 12.26 32.19
C THR A 477 -6.90 12.33 30.90
N LEU A 478 -6.22 12.28 29.75
CA LEU A 478 -6.90 12.36 28.46
C LEU A 478 -6.73 11.10 27.63
N SER A 479 -7.83 10.57 27.10
CA SER A 479 -7.81 9.37 26.27
C SER A 479 -7.71 9.73 24.80
N GLY A 480 -6.83 9.06 24.07
CA GLY A 480 -6.65 9.33 22.65
C GLY A 480 -7.94 9.32 21.86
N ARG A 481 -8.09 10.27 20.95
CA ARG A 481 -9.28 10.34 20.12
C ARG A 481 -8.92 10.61 18.67
N MET A 482 -9.53 9.85 17.76
CA MET A 482 -9.30 10.02 16.34
C MET A 482 -10.64 10.29 15.66
N GLU A 483 -10.61 11.13 14.65
CA GLU A 483 -11.81 11.46 13.90
C GLU A 483 -11.50 11.27 12.42
N ILE A 484 -12.39 10.56 11.74
CA ILE A 484 -12.21 10.28 10.32
C ILE A 484 -13.53 10.58 9.60
N GLN A 485 -13.48 11.38 8.55
CA GLN A 485 -14.68 11.74 7.80
C GLN A 485 -14.78 11.02 6.46
N CYS A 486 -15.91 10.36 6.25
CA CYS A 486 -16.19 9.60 5.05
C CYS A 486 -17.40 10.16 4.32
N LYS A 487 -17.46 9.91 3.01
CA LYS A 487 -18.56 10.37 2.16
C LYS A 487 -19.40 9.18 1.72
N THR A 488 -20.72 9.25 1.89
CA THR A 488 -21.57 8.17 1.43
C THR A 488 -21.74 8.35 -0.07
N SER A 489 -22.03 7.23 -0.75
CA SER A 489 -22.23 7.27 -2.20
C SER A 489 -23.63 7.80 -2.49
N ILE A 490 -23.96 7.96 -3.76
CA ILE A 490 -25.28 8.44 -4.15
C ILE A 490 -26.22 7.25 -4.34
N PHE A 491 -27.36 7.27 -3.66
CA PHE A 491 -28.36 6.21 -3.80
C PHE A 491 -29.75 6.78 -3.54
N ASN A 492 -30.77 6.11 -4.05
CA ASN A 492 -32.14 6.58 -3.93
C ASN A 492 -32.86 6.45 -2.58
N ASP A 493 -32.50 5.43 -1.81
CA ASP A 493 -33.12 5.20 -0.51
C ASP A 493 -32.89 6.37 0.45
N PRO A 494 -33.95 6.81 1.17
CA PRO A 494 -33.83 7.92 2.11
C PRO A 494 -32.70 7.67 3.08
N THR A 495 -32.54 6.41 3.47
CA THR A 495 -31.50 6.03 4.40
C THR A 495 -31.13 4.57 4.17
N ARG A 496 -29.88 4.22 4.47
CA ARG A 496 -29.43 2.84 4.33
C ARG A 496 -28.63 2.47 5.57
N SER A 497 -28.62 1.18 5.87
CA SER A 497 -27.92 0.69 7.05
C SER A 497 -26.54 0.15 6.74
N TYR A 498 -25.61 0.47 7.63
CA TYR A 498 -24.23 0.04 7.49
C TYR A 498 -23.69 -0.36 8.85
N GLY A 499 -22.93 -1.45 8.88
CA GLY A 499 -22.31 -1.87 10.12
C GLY A 499 -20.96 -1.16 10.11
N LEU A 500 -20.34 -1.04 11.27
CA LEU A 500 -19.04 -0.40 11.36
C LEU A 500 -18.14 -1.40 12.07
N ARG A 501 -17.02 -1.72 11.44
CA ARG A 501 -16.08 -2.67 12.01
C ARG A 501 -14.72 -2.02 12.17
N ILE A 502 -13.95 -2.50 13.15
CA ILE A 502 -12.64 -1.95 13.43
C ILE A 502 -11.61 -3.08 13.45
N ARG A 503 -10.50 -2.90 12.74
CA ARG A 503 -9.42 -3.89 12.75
C ARG A 503 -8.42 -3.21 13.67
N TYR A 504 -8.07 -3.87 14.76
CA TYR A 504 -7.20 -3.26 15.75
C TYR A 504 -6.34 -4.23 16.54
N ALA A 505 -5.49 -3.66 17.38
CA ALA A 505 -4.63 -4.40 18.30
C ALA A 505 -4.77 -3.63 19.62
N ALA A 506 -4.74 -4.35 20.74
CA ALA A 506 -4.86 -3.71 22.05
C ALA A 506 -4.15 -4.56 23.09
N ASN A 507 -3.59 -3.93 24.12
CA ASN A 507 -2.89 -4.68 25.15
C ASN A 507 -3.76 -5.01 26.37
N SER A 508 -5.08 -4.85 26.22
CA SER A 508 -6.02 -5.16 27.30
C SER A 508 -7.48 -4.89 26.88
N PRO A 509 -8.44 -5.40 27.66
CA PRO A 509 -9.86 -5.20 27.35
C PRO A 509 -10.20 -3.75 27.70
N ILE A 510 -10.31 -2.91 26.67
CA ILE A 510 -10.58 -1.50 26.86
C ILE A 510 -11.91 -1.07 26.25
N VAL A 511 -12.67 -0.28 26.98
CA VAL A 511 -13.96 0.19 26.48
C VAL A 511 -13.74 1.28 25.43
N LEU A 512 -14.43 1.18 24.31
CA LEU A 512 -14.28 2.17 23.25
C LEU A 512 -15.60 2.88 23.02
N ASN A 513 -15.55 4.20 22.89
CA ASN A 513 -16.75 4.95 22.61
C ASN A 513 -16.66 5.20 21.11
N VAL A 514 -17.65 4.70 20.37
CA VAL A 514 -17.64 4.86 18.92
C VAL A 514 -18.88 5.60 18.48
N SER A 515 -18.68 6.64 17.67
CA SER A 515 -19.81 7.43 17.21
C SER A 515 -19.69 7.87 15.76
N TYR A 516 -20.83 8.21 15.17
CA TYR A 516 -20.86 8.71 13.81
C TYR A 516 -21.74 9.95 13.78
N VAL A 517 -21.26 11.00 13.13
CA VAL A 517 -21.99 12.25 13.05
C VAL A 517 -22.46 12.52 11.61
N LEU A 518 -23.74 12.83 11.49
CA LEU A 518 -24.35 13.14 10.20
C LEU A 518 -25.12 14.45 10.40
N GLN A 519 -24.74 15.46 9.62
CA GLN A 519 -25.34 16.79 9.71
C GLN A 519 -25.49 17.28 11.15
N GLY A 520 -24.38 17.23 11.88
CA GLY A 520 -24.36 17.70 13.25
C GLY A 520 -25.01 16.82 14.27
N VAL A 521 -25.64 15.73 13.85
CA VAL A 521 -26.30 14.84 14.78
C VAL A 521 -25.39 13.66 15.11
N SER A 522 -25.06 13.50 16.39
CA SER A 522 -24.18 12.42 16.82
C SER A 522 -24.89 11.26 17.48
N ARG A 523 -24.57 10.05 17.02
CA ARG A 523 -25.12 8.82 17.57
C ARG A 523 -23.93 7.93 17.93
N GLY A 524 -23.95 7.36 19.13
CA GLY A 524 -22.81 6.53 19.53
C GLY A 524 -23.16 5.28 20.29
N THR A 525 -22.14 4.47 20.53
CA THR A 525 -22.29 3.21 21.26
C THR A 525 -20.96 2.88 21.93
N THR A 526 -20.93 1.78 22.67
CA THR A 526 -19.69 1.39 23.32
C THR A 526 -19.43 -0.07 23.00
N ILE A 527 -18.16 -0.43 22.96
CA ILE A 527 -17.75 -1.81 22.67
C ILE A 527 -16.37 -1.99 23.26
N SER A 528 -16.10 -3.18 23.81
CA SER A 528 -14.81 -3.43 24.40
C SER A 528 -13.90 -4.25 23.50
N THR A 529 -12.63 -3.86 23.48
CA THR A 529 -11.64 -4.57 22.70
C THR A 529 -11.25 -5.80 23.51
N GLU A 530 -10.49 -6.68 22.89
CA GLU A 530 -9.99 -7.86 23.58
C GLU A 530 -8.52 -7.56 23.75
N SER A 531 -7.84 -8.35 24.57
CA SER A 531 -6.42 -8.17 24.75
C SER A 531 -5.85 -8.99 23.58
N THR A 532 -5.15 -8.34 22.65
CA THR A 532 -4.60 -9.03 21.48
C THR A 532 -3.08 -9.16 21.50
N PHE A 533 -2.41 -8.38 22.32
CA PHE A 533 -0.96 -8.46 22.40
C PHE A 533 -0.44 -7.88 23.70
N SER A 534 0.86 -8.04 23.93
CA SER A 534 1.52 -7.50 25.11
C SER A 534 3.01 -7.42 24.79
N ARG A 535 3.67 -6.39 25.30
CA ARG A 535 5.09 -6.21 25.07
C ARG A 535 5.81 -5.76 26.34
N PRO A 536 7.10 -6.10 26.46
CA PRO A 536 7.88 -5.71 27.63
C PRO A 536 7.82 -4.22 27.93
N ASN A 537 7.57 -3.90 29.20
CA ASN A 537 7.50 -2.51 29.66
C ASN A 537 6.46 -1.69 28.92
N ASN A 538 5.46 -2.36 28.34
CA ASN A 538 4.39 -1.69 27.62
C ASN A 538 4.83 -0.68 26.55
N ILE A 539 6.01 -0.90 25.98
CA ILE A 539 6.52 -0.01 24.93
C ILE A 539 5.61 -0.16 23.71
N ILE A 540 5.33 0.95 23.01
CA ILE A 540 4.47 0.88 21.83
C ILE A 540 5.13 -0.09 20.83
N PRO A 541 4.37 -1.10 20.38
CA PRO A 541 4.84 -2.13 19.44
C PRO A 541 5.18 -1.66 18.03
N THR A 542 6.40 -1.96 17.60
CA THR A 542 6.86 -1.59 16.27
C THR A 542 6.81 -2.86 15.40
N ASP A 543 6.47 -3.97 16.01
CA ASP A 543 6.45 -5.24 15.29
C ASP A 543 5.17 -6.06 15.47
N LEU A 544 4.02 -5.41 15.46
CA LEU A 544 2.75 -6.12 15.61
C LEU A 544 2.64 -7.21 14.56
N LYS A 545 2.20 -8.39 14.97
CA LYS A 545 2.07 -9.50 14.04
C LYS A 545 0.66 -9.58 13.48
N TYR A 546 0.52 -10.26 12.35
CA TYR A 546 -0.79 -10.43 11.72
C TYR A 546 -1.81 -10.92 12.73
N GLU A 547 -1.43 -11.92 13.52
CA GLU A 547 -2.32 -12.50 14.51
C GLU A 547 -2.64 -11.59 15.70
N GLU A 548 -1.92 -10.48 15.83
CA GLU A 548 -2.18 -9.55 16.93
C GLU A 548 -3.25 -8.51 16.59
N PHE A 549 -3.77 -8.59 15.37
CA PHE A 549 -4.84 -7.69 14.93
C PHE A 549 -6.16 -8.46 14.99
N ARG A 550 -7.20 -7.86 15.54
CA ARG A 550 -8.50 -8.53 15.59
C ARG A 550 -9.60 -7.58 15.15
N TYR A 551 -10.84 -8.05 15.17
CA TYR A 551 -11.97 -7.24 14.75
C TYR A 551 -13.08 -7.14 15.78
N LYS A 552 -13.72 -5.96 15.82
CA LYS A 552 -14.86 -5.68 16.71
C LYS A 552 -15.88 -4.91 15.89
N ASP A 553 -17.16 -5.11 16.17
CA ASP A 553 -18.22 -4.44 15.41
C ASP A 553 -19.11 -3.50 16.23
N PRO A 554 -18.66 -2.25 16.44
CA PRO A 554 -19.46 -1.29 17.21
C PRO A 554 -20.89 -1.13 16.69
N PHE A 555 -21.05 -1.15 15.37
CA PHE A 555 -22.37 -1.06 14.77
C PHE A 555 -22.52 -2.29 13.88
N ASP A 556 -23.69 -2.91 13.95
CA ASP A 556 -23.95 -4.12 13.17
C ASP A 556 -25.38 -4.14 12.65
N ALA A 557 -25.81 -5.30 12.16
CA ALA A 557 -27.15 -5.47 11.61
C ALA A 557 -28.25 -5.18 12.62
N ILE A 558 -27.96 -5.36 13.91
CA ILE A 558 -28.95 -5.10 14.94
C ILE A 558 -29.01 -3.61 15.24
N VAL A 559 -27.84 -3.00 15.44
CA VAL A 559 -27.75 -1.57 15.70
C VAL A 559 -26.79 -0.99 14.67
N PRO A 560 -27.30 -0.71 13.47
CA PRO A 560 -26.50 -0.16 12.37
C PRO A 560 -26.46 1.35 12.32
N MET A 561 -25.55 1.87 11.50
CA MET A 561 -25.47 3.31 11.30
C MET A 561 -26.55 3.52 10.26
N ARG A 562 -27.29 4.62 10.37
CA ARG A 562 -28.33 4.92 9.40
C ARG A 562 -27.77 6.12 8.64
N LEU A 563 -27.34 5.90 7.41
CA LEU A 563 -26.74 6.98 6.63
C LEU A 563 -27.56 7.34 5.41
N SER A 564 -27.65 8.64 5.12
CA SER A 564 -28.37 9.12 3.95
C SER A 564 -27.39 9.26 2.78
N SER A 565 -27.92 9.50 1.59
CA SER A 565 -27.14 9.60 0.37
C SER A 565 -26.25 10.84 0.16
N ASN A 566 -25.01 10.59 -0.28
CA ASN A 566 -24.05 11.65 -0.60
C ASN A 566 -23.88 12.69 0.52
N GLN A 567 -23.47 12.25 1.70
CA GLN A 567 -23.29 13.14 2.84
C GLN A 567 -21.90 12.92 3.43
N LEU A 568 -21.46 13.83 4.30
CA LEU A 568 -20.16 13.69 4.95
C LEU A 568 -20.43 13.18 6.36
N ILE A 569 -19.85 12.02 6.67
CA ILE A 569 -20.03 11.40 7.99
C ILE A 569 -18.75 11.43 8.80
N THR A 570 -18.86 11.81 10.07
CA THR A 570 -17.69 11.86 10.94
C THR A 570 -17.73 10.70 11.91
N ILE A 571 -16.74 9.83 11.81
CA ILE A 571 -16.68 8.69 12.71
C ILE A 571 -15.58 8.94 13.72
N ALA A 572 -15.92 8.79 15.00
CA ALA A 572 -14.96 9.03 16.06
C ALA A 572 -14.73 7.83 16.95
N ILE A 573 -13.49 7.65 17.38
CA ILE A 573 -13.12 6.56 18.25
C ILE A 573 -12.32 7.12 19.43
N GLN A 574 -12.74 6.79 20.65
CA GLN A 574 -12.01 7.25 21.82
C GLN A 574 -12.28 6.33 23.01
N PRO A 575 -11.22 5.82 23.63
CA PRO A 575 -11.35 4.93 24.79
C PRO A 575 -12.06 5.61 25.95
N LEU A 576 -12.61 4.80 26.86
CA LEU A 576 -13.30 5.27 28.05
C LEU A 576 -12.56 4.74 29.28
N ASN A 577 -12.53 5.52 30.36
CA ASN A 577 -11.87 5.12 31.60
C ASN A 577 -10.60 4.30 31.35
N MET A 578 -9.67 4.87 30.60
CA MET A 578 -8.43 4.20 30.25
C MET A 578 -7.29 4.48 31.24
N THR A 579 -6.49 3.45 31.53
CA THR A 579 -5.36 3.59 32.44
C THR A 579 -4.13 4.01 31.64
N SER A 580 -3.16 4.62 32.33
CA SER A 580 -1.93 5.11 31.70
C SER A 580 -1.13 4.14 30.83
N ASN A 581 -1.34 2.84 31.01
CA ASN A 581 -0.60 1.85 30.23
C ASN A 581 -1.45 1.19 29.14
N ASN A 582 -2.74 1.54 29.09
CA ASN A 582 -3.64 0.97 28.09
C ASN A 582 -3.27 1.50 26.71
N GLN A 583 -3.33 0.63 25.71
CA GLN A 583 -3.03 1.03 24.35
C GLN A 583 -4.04 0.39 23.40
N VAL A 584 -4.57 1.20 22.50
CA VAL A 584 -5.52 0.73 21.49
C VAL A 584 -4.96 1.25 20.16
N ILE A 585 -4.56 0.33 19.30
CA ILE A 585 -3.97 0.69 18.00
C ILE A 585 -4.94 0.32 16.89
N ILE A 586 -5.36 1.34 16.14
CA ILE A 586 -6.31 1.11 15.06
C ILE A 586 -5.62 1.02 13.71
N ASP A 587 -5.90 -0.06 12.98
CA ASP A 587 -5.34 -0.22 11.66
C ASP A 587 -6.31 0.49 10.73
N ARG A 588 -7.56 0.07 10.75
CA ARG A 588 -8.56 0.70 9.89
C ARG A 588 -9.97 0.43 10.35
N ILE A 589 -10.90 1.27 9.89
CA ILE A 589 -12.31 1.05 10.18
C ILE A 589 -12.86 0.45 8.89
N GLU A 590 -13.97 -0.25 8.97
CA GLU A 590 -14.59 -0.86 7.79
C GLU A 590 -16.08 -0.64 7.88
N ILE A 591 -16.68 -0.19 6.78
CA ILE A 591 -18.11 0.05 6.72
C ILE A 591 -18.74 -1.07 5.91
N ILE A 592 -19.70 -1.74 6.53
CA ILE A 592 -20.35 -2.89 5.94
C ILE A 592 -21.82 -2.71 5.58
N PRO A 593 -22.15 -2.76 4.28
CA PRO A 593 -23.54 -2.59 3.84
C PRO A 593 -24.38 -3.72 4.44
N ILE A 594 -25.52 -3.39 5.01
CA ILE A 594 -26.35 -4.42 5.61
C ILE A 594 -27.43 -4.91 4.66
N THR A 595 -27.19 -6.08 4.10
CA THR A 595 -28.11 -6.71 3.16
C THR A 595 -28.79 -7.88 3.86
N GLN A 596 -29.56 -8.66 3.10
CA GLN A 596 -30.26 -9.79 3.69
C GLN A 596 -29.24 -10.85 4.10
N SER A 597 -28.14 -10.95 3.34
CA SER A 597 -27.08 -11.90 3.64
C SER A 597 -26.44 -11.54 4.97
N VAL A 598 -26.14 -10.26 5.15
CA VAL A 598 -25.53 -9.78 6.38
C VAL A 598 -26.59 -9.72 7.48
N LEU A 599 -27.85 -9.78 7.07
CA LEU A 599 -28.95 -9.73 8.02
C LEU A 599 -28.94 -11.06 8.79
N ASP A 600 -28.36 -12.07 8.17
CA ASP A 600 -28.25 -13.41 8.77
C ASP A 600 -26.90 -13.55 9.48
N GLU A 601 -25.89 -12.86 8.95
CA GLU A 601 -24.55 -12.89 9.51
C GLU A 601 -24.44 -11.85 10.63
N THR A 602 -25.20 -10.76 10.47
CA THR A 602 -25.24 -9.65 11.42
C THR A 602 -23.87 -9.05 11.69
#